data_2QCV
#
_entry.id   2QCV
#
_cell.length_a   194.001
_cell.length_b   194.001
_cell.length_c   48.083
_cell.angle_alpha   90.000
_cell.angle_beta   90.000
_cell.angle_gamma   120.000
#
_symmetry.space_group_name_H-M   'P 64 2 2'
#
loop_
_entity.id
_entity.type
_entity.pdbx_description
1 polymer 'Putative 5-dehydro-2-deoxygluconokinase'
2 non-polymer 'TRIETHYLENE GLYCOL'
3 water water
#
_entity_poly.entity_id   1
_entity_poly.type   'polypeptide(L)'
_entity_poly.pdbx_seq_one_letter_code
;G(MSE)TYELSTDREFDLIAIGRACIDLNAVEYNRP(MSE)EET(MSE)TFSKYVGGSPANIVIGSSKLGLKAGFIGKIA
DDQHGRFIESY(MSE)RGVGVDTSNLVVDQEGHKTGLAFTEIKSPEECSIL(MSE)YRQDVADLYLSPEEVNEAYIRRSK
LLLVSGTALSKSPSREAVLKAIRLAKRNDVKVVFELDYRPYSWETPEETAVYYSLVAEQSDIVIGTREEFDVLENRTEKG
DNDETIRYLFKHSPELIVIKHGVEGSFAYTKAGEAYRGYAYKTKVLKTFGAGDSYASAFLYALISGKGIETALKYGSASA
SIVVSKHSSSDA(MSE)PSVEEIEALIEKDETITIA
;
_entity_poly.pdbx_strand_id   A
#
loop_
_chem_comp.id
_chem_comp.type
_chem_comp.name
_chem_comp.formula
PGE non-polymer 'TRIETHYLENE GLYCOL' 'C6 H14 O4'
#
# COMPACT_ATOMS: atom_id res chain seq x y z
N THR A 3 -19.62 10.18 6.28
N THR A 3 -23.08 2.05 3.78
CA THR A 3 -19.84 9.62 7.68
CA THR A 3 -22.02 2.03 2.74
C THR A 3 -19.04 10.26 8.85
C THR A 3 -21.30 3.39 2.71
N TYR A 4 -19.58 11.26 9.55
N TYR A 4 -20.01 3.35 2.42
CA TYR A 4 -18.73 12.12 10.42
CA TYR A 4 -19.14 4.55 2.32
C TYR A 4 -18.54 11.65 11.86
C TYR A 4 -18.95 5.25 3.66
N GLU A 5 -19.19 10.54 12.23
N GLU A 5 -19.25 4.57 4.76
CA GLU A 5 -18.88 9.84 13.48
CA GLU A 5 -19.17 5.21 6.07
C GLU A 5 -19.16 8.37 13.21
C GLU A 5 -17.84 4.91 6.75
N LEU A 6 -18.41 7.50 13.87
N LEU A 6 -17.29 5.87 7.50
CA LEU A 6 -18.45 6.08 13.52
CA LEU A 6 -16.11 5.62 8.33
C LEU A 6 -19.16 5.25 14.59
C LEU A 6 -16.38 6.03 9.77
N SER A 7 -19.34 3.96 14.29
N SER A 7 -15.68 5.39 10.72
CA SER A 7 -20.16 3.11 15.16
CA SER A 7 -15.87 5.70 12.13
C SER A 7 -19.45 2.90 16.48
C SER A 7 -14.89 6.75 12.70
N THR A 8 -18.13 3.02 16.45
N THR A 8 -15.39 7.95 12.90
CA THR A 8 -17.32 2.92 17.66
CA THR A 8 -14.52 9.09 13.17
C THR A 8 -16.25 3.96 17.59
C THR A 8 -14.11 9.22 14.61
N ASP A 9 -15.67 4.30 18.73
N ASP A 9 -14.54 8.26 15.43
CA ASP A 9 -14.64 5.33 18.74
CA ASP A 9 -14.20 8.20 16.86
C ASP A 9 -13.36 4.79 18.16
C ASP A 9 -13.00 7.32 17.21
N ARG A 10 -12.69 5.61 17.37
N ARG A 10 -12.54 6.52 16.25
CA ARG A 10 -11.48 5.15 16.72
CA ARG A 10 -11.50 5.48 16.48
C ARG A 10 -10.31 6.07 17.06
C ARG A 10 -10.12 6.11 16.71
N GLU A 11 -9.22 5.43 17.44
CA GLU A 11 -7.92 6.02 17.76
C GLU A 11 -6.97 6.07 16.56
N PHE A 12 -7.08 5.09 15.68
CA PHE A 12 -6.24 5.06 14.47
C PHE A 12 -7.04 5.40 13.20
N ASP A 13 -6.43 6.12 12.29
CA ASP A 13 -6.97 6.23 10.92
C ASP A 13 -6.77 4.96 10.10
N LEU A 14 -5.61 4.32 10.22
CA LEU A 14 -5.35 3.09 9.53
C LEU A 14 -4.36 2.24 10.31
N ILE A 15 -4.52 0.92 10.15
CA ILE A 15 -3.56 -0.07 10.58
C ILE A 15 -3.28 -0.91 9.32
N ALA A 16 -2.01 -1.06 8.98
CA ALA A 16 -1.61 -1.89 7.84
C ALA A 16 -1.00 -3.19 8.35
N ILE A 17 -1.09 -4.22 7.53
CA ILE A 17 -0.58 -5.54 7.86
C ILE A 17 0.28 -6.03 6.71
N GLY A 18 1.48 -6.51 7.07
CA GLY A 18 2.35 -7.21 6.16
C GLY A 18 3.81 -6.82 6.38
N ARG A 19 4.48 -6.45 5.29
CA ARG A 19 5.94 -6.29 5.27
C ARG A 19 6.42 -4.91 5.65
N ALA A 20 7.39 -4.89 6.57
CA ALA A 20 8.27 -3.76 6.80
C ALA A 20 9.68 -4.32 6.65
N CYS A 21 10.44 -3.79 5.69
CA CYS A 21 11.75 -4.33 5.43
C CYS A 21 12.76 -3.21 5.22
N ILE A 22 13.93 -3.58 4.72
CA ILE A 22 15.00 -2.62 4.43
C ILE A 22 15.10 -2.40 2.93
N ASP A 23 15.09 -1.13 2.55
CA ASP A 23 15.45 -0.73 1.20
C ASP A 23 16.88 -0.16 1.25
N LEU A 24 17.68 -0.59 0.29
CA LEU A 24 19.05 -0.11 0.12
C LEU A 24 19.07 0.57 -1.24
N ASN A 25 19.01 1.89 -1.18
CA ASN A 25 18.93 2.73 -2.33
C ASN A 25 20.28 3.21 -2.83
N ALA A 26 20.50 2.97 -4.12
CA ALA A 26 21.72 3.32 -4.81
C ALA A 26 21.99 4.79 -4.70
N VAL A 27 23.15 5.13 -4.15
CA VAL A 27 23.59 6.52 -4.04
C VAL A 27 24.07 7.02 -5.41
N GLU A 28 24.91 6.22 -6.08
CA GLU A 28 25.37 6.54 -7.42
C GLU A 28 24.40 5.83 -8.34
N TYR A 29 23.59 6.59 -9.05
CA TYR A 29 22.52 6.00 -9.83
C TYR A 29 22.63 6.41 -11.28
N ASN A 30 21.61 6.09 -12.07
CA ASN A 30 21.69 6.17 -13.55
C ASN A 30 22.90 5.39 -14.03
N ARG A 31 23.03 4.17 -13.51
CA ARG A 31 24.10 3.24 -13.86
C ARG A 31 23.65 1.84 -13.42
N PRO A 32 24.24 0.79 -14.01
CA PRO A 32 24.00 -0.55 -13.53
C PRO A 32 24.43 -0.66 -12.05
N MSE A 33 23.70 -1.44 -11.28
CA MSE A 33 23.99 -1.59 -9.86
C MSE A 33 25.40 -2.10 -9.63
O MSE A 33 26.00 -1.82 -8.60
CB MSE A 33 22.98 -2.52 -9.19
CG MSE A 33 23.28 -2.80 -7.73
SE MSE A 33 22.11 -4.18 -7.00
CE MSE A 33 20.50 -3.30 -7.46
N GLU A 34 25.95 -2.88 -10.57
CA GLU A 34 27.35 -3.33 -10.45
C GLU A 34 28.28 -2.14 -10.18
N GLU A 35 27.95 -0.99 -10.77
CA GLU A 35 28.76 0.22 -10.65
C GLU A 35 28.37 1.11 -9.47
N THR A 36 27.30 0.76 -8.75
CA THR A 36 26.84 1.50 -7.57
C THR A 36 27.61 0.99 -6.41
N MSE A 37 28.38 1.88 -5.78
CA MSE A 37 29.29 1.55 -4.72
C MSE A 37 28.78 1.85 -3.33
O MSE A 37 29.33 1.35 -2.36
CB MSE A 37 30.60 2.28 -4.93
CG MSE A 37 31.31 1.91 -6.25
SE MSE A 37 31.44 -0.06 -6.59
CE MSE A 37 32.58 -0.59 -5.14
N THR A 38 27.74 2.69 -3.23
CA THR A 38 27.18 3.07 -1.92
C THR A 38 25.65 3.03 -1.94
N PHE A 39 25.06 2.59 -0.83
CA PHE A 39 23.62 2.41 -0.70
C PHE A 39 23.15 3.07 0.58
N SER A 40 22.01 3.77 0.50
CA SER A 40 21.42 4.37 1.70
CA SER A 40 21.39 4.38 1.69
C SER A 40 20.27 3.49 2.22
N LYS A 41 20.24 3.33 3.54
CA LYS A 41 19.29 2.48 4.25
C LYS A 41 17.99 3.21 4.59
N TYR A 42 16.88 2.64 4.14
CA TYR A 42 15.55 3.15 4.44
C TYR A 42 14.64 1.99 4.88
N VAL A 43 13.54 2.32 5.54
CA VAL A 43 12.49 1.33 5.75
C VAL A 43 11.77 1.21 4.39
N GLY A 44 11.46 0.00 4.00
CA GLY A 44 10.62 -0.23 2.80
C GLY A 44 9.58 -1.29 3.05
N GLY A 45 8.94 -1.74 1.96
CA GLY A 45 7.84 -2.68 2.07
C GLY A 45 6.59 -1.86 1.86
N SER A 46 5.71 -2.35 0.98
CA SER A 46 4.49 -1.58 0.63
C SER A 46 3.62 -1.10 1.83
N PRO A 47 3.15 -2.02 2.72
CA PRO A 47 2.35 -1.48 3.83
C PRO A 47 3.10 -0.57 4.80
N ALA A 48 4.37 -0.83 5.05
CA ALA A 48 5.22 0.07 5.82
C ALA A 48 5.30 1.47 5.20
N ASN A 49 5.58 1.53 3.90
CA ASN A 49 5.63 2.78 3.19
C ASN A 49 4.30 3.53 3.28
N ILE A 50 3.21 2.79 3.19
CA ILE A 50 1.88 3.41 3.21
C ILE A 50 1.65 4.04 4.60
N VAL A 51 1.98 3.33 5.66
CA VAL A 51 1.79 3.92 7.01
C VAL A 51 2.77 5.06 7.32
N ILE A 52 4.00 4.97 6.86
CA ILE A 52 4.96 6.06 7.05
C ILE A 52 4.50 7.30 6.26
N GLY A 53 4.06 7.09 5.02
CA GLY A 53 3.51 8.19 4.25
C GLY A 53 2.27 8.81 4.89
N SER A 54 1.39 7.97 5.40
CA SER A 54 0.20 8.42 6.06
C SER A 54 0.51 9.27 7.28
N SER A 55 1.51 8.86 8.07
CA SER A 55 1.88 9.60 9.28
CA SER A 55 1.88 9.60 9.27
C SER A 55 2.41 10.97 8.90
N LYS A 56 3.18 11.03 7.81
CA LYS A 56 3.72 12.28 7.31
C LYS A 56 2.59 13.24 6.91
N LEU A 57 1.46 12.72 6.43
CA LEU A 57 0.26 13.54 6.17
C LEU A 57 -0.56 13.89 7.41
N GLY A 58 -0.17 13.37 8.56
CA GLY A 58 -0.86 13.64 9.80
C GLY A 58 -1.89 12.61 10.21
N LEU A 59 -1.98 11.47 9.53
CA LEU A 59 -2.92 10.42 9.97
C LEU A 59 -2.28 9.68 11.13
N LYS A 60 -3.11 9.09 11.98
CA LYS A 60 -2.63 8.23 13.07
C LYS A 60 -2.65 6.79 12.53
N ALA A 61 -1.46 6.20 12.44
CA ALA A 61 -1.27 4.89 11.84
C ALA A 61 -0.66 3.89 12.82
N GLY A 62 -1.07 2.64 12.63
CA GLY A 62 -0.51 1.49 13.33
C GLY A 62 -0.14 0.41 12.35
N PHE A 63 0.41 -0.69 12.87
CA PHE A 63 1.02 -1.71 12.01
C PHE A 63 0.99 -3.08 12.69
N ILE A 64 0.68 -4.09 11.90
CA ILE A 64 0.78 -5.50 12.30
C ILE A 64 1.81 -6.14 11.41
N GLY A 65 2.96 -6.51 12.00
CA GLY A 65 3.97 -7.18 11.21
C GLY A 65 5.06 -7.80 12.06
N LYS A 66 5.85 -8.66 11.43
CA LYS A 66 6.96 -9.33 12.09
C LYS A 66 8.27 -8.80 11.57
N ILE A 67 9.17 -8.58 12.52
CA ILE A 67 10.50 -8.02 12.26
C ILE A 67 11.60 -8.94 12.85
N ALA A 68 12.79 -8.84 12.30
CA ALA A 68 13.94 -9.66 12.75
C ALA A 68 14.45 -9.18 14.10
N ASP A 69 15.03 -10.10 14.84
CA ASP A 69 15.68 -9.80 16.12
C ASP A 69 17.10 -9.42 15.89
N ASP A 70 17.29 -8.27 15.27
CA ASP A 70 18.60 -7.77 14.91
C ASP A 70 18.56 -6.28 14.62
N GLN A 71 19.69 -5.74 14.18
CA GLN A 71 19.81 -4.29 13.94
C GLN A 71 18.90 -3.77 12.85
N HIS A 72 18.57 -4.61 11.87
CA HIS A 72 17.65 -4.14 10.86
C HIS A 72 16.20 -4.07 11.41
N GLY A 73 15.78 -5.09 12.14
CA GLY A 73 14.46 -5.04 12.77
C GLY A 73 14.37 -3.88 13.75
N ARG A 74 15.41 -3.65 14.55
CA ARG A 74 15.34 -2.57 15.53
C ARG A 74 15.35 -1.20 14.88
N PHE A 75 16.07 -1.06 13.77
CA PHE A 75 15.98 0.17 12.99
C PHE A 75 14.57 0.44 12.46
N ILE A 76 13.95 -0.59 11.91
CA ILE A 76 12.59 -0.47 11.35
C ILE A 76 11.65 -0.01 12.48
N GLU A 77 11.72 -0.65 13.64
CA GLU A 77 10.84 -0.26 14.76
C GLU A 77 11.11 1.18 15.20
N SER A 78 12.40 1.53 15.36
CA SER A 78 12.76 2.84 15.84
CA SER A 78 12.73 2.85 15.86
C SER A 78 12.40 3.95 14.87
N TYR A 79 12.59 3.70 13.57
CA TYR A 79 12.25 4.65 12.53
C TYR A 79 10.72 4.88 12.47
N MSE A 80 9.95 3.79 12.37
CA MSE A 80 8.50 3.93 12.34
C MSE A 80 7.95 4.66 13.56
O MSE A 80 7.13 5.56 13.43
CB MSE A 80 7.87 2.55 12.17
CG MSE A 80 8.25 1.96 10.83
SE MSE A 80 7.43 0.17 10.54
CE MSE A 80 5.81 0.84 9.78
N ARG A 81 8.43 4.30 14.75
CA ARG A 81 8.06 4.97 15.98
C ARG A 81 8.44 6.45 15.93
N GLY A 82 9.62 6.72 15.40
CA GLY A 82 10.12 8.10 15.34
C GLY A 82 9.32 8.96 14.40
N VAL A 83 8.68 8.39 13.36
CA VAL A 83 7.82 9.18 12.49
C VAL A 83 6.33 9.12 12.88
N GLY A 84 6.04 8.51 14.03
CA GLY A 84 4.73 8.64 14.66
C GLY A 84 3.82 7.45 14.36
N VAL A 85 4.37 6.37 13.80
CA VAL A 85 3.57 5.15 13.61
C VAL A 85 3.56 4.37 14.92
N ASP A 86 2.41 3.82 15.33
CA ASP A 86 2.35 2.93 16.49
CA ASP A 86 2.39 2.94 16.49
C ASP A 86 3.03 1.60 16.16
N THR A 87 4.01 1.19 16.99
CA THR A 87 4.77 -0.05 16.78
C THR A 87 4.48 -1.11 17.84
N SER A 88 3.41 -0.91 18.60
CA SER A 88 2.99 -1.85 19.65
C SER A 88 2.70 -3.27 19.19
N ASN A 89 2.35 -3.46 17.93
CA ASN A 89 1.99 -4.77 17.39
C ASN A 89 2.99 -5.27 16.34
N LEU A 90 4.20 -4.71 16.39
CA LEU A 90 5.30 -5.31 15.69
C LEU A 90 5.78 -6.44 16.57
N VAL A 91 5.91 -7.62 15.98
CA VAL A 91 6.36 -8.77 16.75
C VAL A 91 7.76 -9.15 16.33
N VAL A 92 8.61 -9.47 17.29
CA VAL A 92 9.99 -9.85 16.98
C VAL A 92 10.10 -11.35 16.76
N ASP A 93 10.61 -11.71 15.60
CA ASP A 93 10.81 -13.11 15.22
C ASP A 93 11.83 -13.74 16.15
N GLN A 94 11.53 -14.93 16.64
CA GLN A 94 12.42 -15.62 17.58
C GLN A 94 13.02 -16.88 16.98
N GLU A 95 13.02 -17.01 15.66
CA GLU A 95 13.46 -18.20 14.96
C GLU A 95 14.64 -17.90 14.01
N GLY A 96 15.29 -16.76 14.14
CA GLY A 96 16.48 -16.46 13.36
C GLY A 96 16.21 -15.96 11.95
N HIS A 97 14.96 -15.65 11.62
CA HIS A 97 14.66 -15.14 10.28
C HIS A 97 15.14 -13.70 10.06
N LYS A 98 15.64 -13.45 8.86
CA LYS A 98 16.20 -12.16 8.46
C LYS A 98 15.15 -11.25 7.86
N THR A 99 15.43 -9.95 7.91
CA THR A 99 14.62 -8.94 7.26
C THR A 99 14.75 -9.00 5.75
N GLY A 100 13.65 -8.87 5.03
CA GLY A 100 13.80 -8.77 3.57
C GLY A 100 14.58 -7.53 3.18
N LEU A 101 15.24 -7.60 2.03
CA LEU A 101 16.11 -6.52 1.55
C LEU A 101 15.77 -6.23 0.10
N ALA A 102 15.67 -4.95 -0.23
CA ALA A 102 15.49 -4.54 -1.62
C ALA A 102 16.66 -3.64 -1.99
N PHE A 103 17.54 -4.09 -2.88
CA PHE A 103 18.57 -3.22 -3.43
C PHE A 103 18.03 -2.61 -4.71
N THR A 104 18.13 -1.30 -4.84
CA THR A 104 17.48 -0.65 -5.99
C THR A 104 18.51 -0.32 -7.03
N GLU A 105 18.16 -0.61 -8.29
CA GLU A 105 18.98 -0.23 -9.43
C GLU A 105 18.21 0.80 -10.20
N ILE A 106 18.87 1.90 -10.53
CA ILE A 106 18.33 2.96 -11.38
C ILE A 106 19.26 3.13 -12.57
N LYS A 107 18.95 2.45 -13.66
CA LYS A 107 19.79 2.56 -14.84
C LYS A 107 19.58 3.94 -15.51
N SER A 108 18.34 4.40 -15.43
CA SER A 108 17.86 5.64 -15.99
C SER A 108 16.47 5.89 -15.37
N PRO A 109 15.92 7.11 -15.52
CA PRO A 109 14.53 7.32 -15.07
C PRO A 109 13.53 6.25 -15.54
N GLU A 110 13.74 5.69 -16.74
CA GLU A 110 12.82 4.70 -17.32
C GLU A 110 13.19 3.26 -17.03
N GLU A 111 14.33 3.00 -16.38
CA GLU A 111 14.76 1.63 -16.10
C GLU A 111 15.18 1.50 -14.64
N CYS A 112 14.24 1.14 -13.77
CA CYS A 112 14.49 0.90 -12.34
CA CYS A 112 14.62 0.82 -12.41
C CYS A 112 14.03 -0.51 -11.97
N SER A 113 14.74 -1.17 -11.07
CA SER A 113 14.40 -2.54 -10.68
C SER A 113 15.02 -2.83 -9.30
N ILE A 114 14.59 -3.93 -8.71
CA ILE A 114 15.02 -4.27 -7.36
C ILE A 114 15.66 -5.66 -7.41
N LEU A 115 16.81 -5.80 -6.76
CA LEU A 115 17.36 -7.12 -6.45
C LEU A 115 16.85 -7.43 -5.04
N MSE A 116 15.96 -8.42 -4.93
CA MSE A 116 15.27 -8.70 -3.68
C MSE A 116 15.80 -9.92 -2.95
O MSE A 116 16.08 -10.95 -3.55
CB MSE A 116 13.77 -8.91 -3.95
CG MSE A 116 12.92 -9.04 -2.71
SE MSE A 116 12.45 -7.26 -1.95
CE MSE A 116 11.88 -7.83 -0.09
N TYR A 117 15.97 -9.78 -1.63
CA TYR A 117 16.23 -10.90 -0.73
C TYR A 117 14.89 -11.15 -0.01
N ARG A 118 14.17 -12.20 -0.42
CA ARG A 118 12.77 -12.45 0.05
C ARG A 118 12.53 -13.84 0.64
N GLN A 119 13.49 -14.75 0.53
CA GLN A 119 13.27 -16.13 0.99
C GLN A 119 13.29 -16.27 2.52
N ASP A 120 12.21 -16.83 3.07
CA ASP A 120 12.12 -17.09 4.51
C ASP A 120 12.41 -15.86 5.34
N VAL A 121 11.96 -14.73 4.85
CA VAL A 121 12.16 -13.49 5.58
C VAL A 121 11.16 -13.39 6.75
N ALA A 122 11.55 -12.63 7.77
CA ALA A 122 10.78 -12.49 8.99
C ALA A 122 9.31 -12.10 8.73
N ASP A 123 9.05 -11.18 7.80
CA ASP A 123 7.68 -10.67 7.65
C ASP A 123 6.67 -11.74 7.23
N LEU A 124 7.18 -12.81 6.61
CA LEU A 124 6.34 -13.89 6.13
C LEU A 124 5.96 -14.88 7.24
N TYR A 125 6.60 -14.76 8.41
CA TYR A 125 6.30 -15.61 9.55
C TYR A 125 5.31 -15.00 10.55
N LEU A 126 4.74 -13.84 10.23
CA LEU A 126 3.61 -13.34 10.99
C LEU A 126 2.53 -14.41 10.94
N SER A 127 1.97 -14.71 12.09
CA SER A 127 1.07 -15.84 12.22
C SER A 127 -0.26 -15.38 12.78
N PRO A 128 -1.34 -16.15 12.57
CA PRO A 128 -2.64 -15.78 13.15
C PRO A 128 -2.66 -15.47 14.65
N GLU A 129 -1.86 -16.20 15.44
CA GLU A 129 -1.82 -15.96 16.89
C GLU A 129 -1.23 -14.58 17.23
N GLU A 130 -0.59 -13.93 16.26
CA GLU A 130 0.02 -12.62 16.50
C GLU A 130 -0.87 -11.46 16.02
N VAL A 131 -2.04 -11.79 15.49
CA VAL A 131 -3.03 -10.82 15.03
C VAL A 131 -4.07 -10.57 16.15
N ASN A 132 -4.11 -9.32 16.61
CA ASN A 132 -4.89 -8.92 17.79
C ASN A 132 -6.17 -8.15 17.43
N GLU A 133 -7.32 -8.75 17.73
CA GLU A 133 -8.61 -8.09 17.49
C GLU A 133 -8.79 -6.77 18.20
N ALA A 134 -8.27 -6.67 19.46
CA ALA A 134 -8.36 -5.46 20.26
C ALA A 134 -7.61 -4.29 19.63
N TYR A 135 -6.60 -4.60 18.82
CA TYR A 135 -5.82 -3.56 18.15
C TYR A 135 -6.55 -3.15 16.90
N ILE A 136 -6.90 -4.11 16.06
CA ILE A 136 -7.62 -3.83 14.81
C ILE A 136 -8.88 -2.99 15.01
N ARG A 137 -9.68 -3.31 16.02
CA ARG A 137 -10.91 -2.60 16.23
C ARG A 137 -10.79 -1.12 16.63
N ARG A 138 -9.58 -0.65 16.94
CA ARG A 138 -9.33 0.76 17.25
C ARG A 138 -9.08 1.61 16.03
N SER A 139 -9.21 1.01 14.86
CA SER A 139 -8.92 1.69 13.59
C SER A 139 -10.15 1.89 12.68
N LYS A 140 -10.12 2.97 11.92
CA LYS A 140 -11.08 3.21 10.85
C LYS A 140 -10.96 2.22 9.72
N LEU A 141 -9.71 1.92 9.35
CA LEU A 141 -9.34 1.11 8.16
C LEU A 141 -8.29 0.06 8.51
N LEU A 142 -8.36 -1.07 7.81
CA LEU A 142 -7.29 -2.07 7.76
C LEU A 142 -6.79 -2.12 6.35
N LEU A 143 -5.51 -1.82 6.17
CA LEU A 143 -4.87 -1.86 4.86
C LEU A 143 -4.14 -3.20 4.74
N VAL A 144 -4.56 -3.98 3.78
CA VAL A 144 -3.99 -5.30 3.49
C VAL A 144 -3.17 -5.18 2.20
N SER A 145 -1.91 -5.56 2.22
CA SER A 145 -1.13 -5.59 0.99
CA SER A 145 -1.08 -5.64 1.03
C SER A 145 -1.10 -7.03 0.43
N GLY A 146 -1.23 -7.12 -0.89
CA GLY A 146 -1.26 -8.39 -1.57
C GLY A 146 -0.07 -9.31 -1.34
N THR A 147 1.13 -8.76 -1.21
CA THR A 147 2.31 -9.60 -1.08
C THR A 147 2.29 -10.38 0.23
N ALA A 148 1.60 -9.86 1.24
CA ALA A 148 1.45 -10.56 2.53
C ALA A 148 0.66 -11.87 2.39
N LEU A 149 -0.02 -12.07 1.26
CA LEU A 149 -0.74 -13.31 0.98
C LEU A 149 0.14 -14.34 0.27
N SER A 150 1.38 -13.98 -0.07
CA SER A 150 2.24 -14.81 -0.92
C SER A 150 2.70 -16.11 -0.25
N LYS A 151 2.72 -16.17 1.09
CA LYS A 151 3.20 -17.35 1.78
C LYS A 151 2.51 -17.47 3.12
N SER A 152 2.29 -18.69 3.56
CA SER A 152 1.97 -18.98 4.96
C SER A 152 3.21 -18.86 5.87
N PRO A 153 3.02 -18.51 7.15
CA PRO A 153 1.76 -18.22 7.83
C PRO A 153 1.21 -16.83 7.65
N SER A 154 1.95 -15.94 7.00
CA SER A 154 1.46 -14.58 6.80
C SER A 154 0.09 -14.57 6.12
N ARG A 155 -0.08 -15.41 5.09
CA ARG A 155 -1.36 -15.51 4.38
C ARG A 155 -2.56 -15.70 5.33
N GLU A 156 -2.43 -16.63 6.29
CA GLU A 156 -3.51 -16.89 7.28
C GLU A 156 -3.66 -15.77 8.30
N ALA A 157 -2.54 -15.13 8.67
CA ALA A 157 -2.59 -13.98 9.53
C ALA A 157 -3.42 -12.87 8.86
N VAL A 158 -3.20 -12.65 7.55
CA VAL A 158 -3.97 -11.64 6.83
C VAL A 158 -5.43 -12.02 6.75
N LEU A 159 -5.71 -13.29 6.43
CA LEU A 159 -7.12 -13.70 6.35
C LEU A 159 -7.82 -13.50 7.71
N LYS A 160 -7.11 -13.80 8.81
CA LYS A 160 -7.65 -13.58 10.15
C LYS A 160 -7.92 -12.11 10.40
N ALA A 161 -6.94 -11.27 10.08
CA ALA A 161 -7.09 -9.80 10.22
C ALA A 161 -8.32 -9.23 9.50
N ILE A 162 -8.58 -9.70 8.29
CA ILE A 162 -9.72 -9.26 7.49
C ILE A 162 -11.03 -9.63 8.19
N ARG A 163 -11.13 -10.87 8.66
CA ARG A 163 -12.32 -11.30 9.41
C ARG A 163 -12.60 -10.45 10.66
N LEU A 164 -11.56 -10.20 11.43
CA LEU A 164 -11.65 -9.40 12.63
C LEU A 164 -12.02 -7.98 12.30
N ALA A 165 -11.42 -7.41 11.24
CA ALA A 165 -11.79 -6.06 10.79
C ALA A 165 -13.27 -5.99 10.46
N LYS A 166 -13.72 -6.91 9.64
CA LYS A 166 -15.10 -6.86 9.17
C LYS A 166 -16.12 -6.92 10.30
N ARG A 167 -15.87 -7.77 11.28
CA ARG A 167 -16.79 -7.94 12.39
C ARG A 167 -16.72 -6.84 13.43
N ASN A 168 -15.75 -5.94 13.31
CA ASN A 168 -15.63 -4.75 14.15
C ASN A 168 -15.87 -3.44 13.40
N ASP A 169 -16.46 -3.54 12.21
CA ASP A 169 -16.82 -2.38 11.44
C ASP A 169 -15.59 -1.54 11.10
N VAL A 170 -14.51 -2.23 10.81
CA VAL A 170 -13.26 -1.64 10.36
C VAL A 170 -13.23 -1.87 8.83
N LYS A 171 -13.09 -0.78 8.07
CA LYS A 171 -13.12 -0.87 6.60
C LYS A 171 -11.83 -1.56 6.10
N VAL A 172 -11.99 -2.54 5.21
CA VAL A 172 -10.86 -3.35 4.69
C VAL A 172 -10.49 -2.78 3.33
N VAL A 173 -9.26 -2.30 3.26
CA VAL A 173 -8.70 -1.74 2.06
C VAL A 173 -7.61 -2.67 1.54
N PHE A 174 -7.81 -3.17 0.33
CA PHE A 174 -6.91 -4.15 -0.27
C PHE A 174 -6.09 -3.46 -1.35
N GLU A 175 -4.78 -3.37 -1.09
CA GLU A 175 -3.84 -2.81 -2.03
C GLU A 175 -3.15 -3.95 -2.76
N LEU A 176 -3.31 -4.01 -4.09
CA LEU A 176 -2.97 -5.21 -4.81
C LEU A 176 -1.47 -5.47 -4.88
N ASP A 177 -0.61 -4.46 -4.92
CA ASP A 177 0.83 -4.62 -4.60
C ASP A 177 1.41 -5.89 -5.19
N TYR A 178 1.52 -6.01 -6.53
CA TYR A 178 1.92 -7.30 -7.13
C TYR A 178 3.43 -7.44 -7.29
N ARG A 179 3.99 -8.49 -6.71
CA ARG A 179 5.40 -8.83 -6.75
C ARG A 179 5.49 -10.27 -7.24
N PRO A 180 5.57 -10.46 -8.56
CA PRO A 180 5.50 -11.83 -9.12
C PRO A 180 6.53 -12.82 -8.57
N TYR A 181 7.72 -12.35 -8.25
CA TYR A 181 8.74 -13.27 -7.74
C TYR A 181 8.50 -13.70 -6.30
N SER A 182 7.53 -13.10 -5.63
CA SER A 182 7.10 -13.62 -4.31
C SER A 182 6.15 -14.79 -4.35
N TRP A 183 5.66 -15.11 -5.53
CA TRP A 183 4.66 -16.16 -5.73
C TRP A 183 5.19 -17.32 -6.56
N GLU A 184 4.53 -18.46 -6.44
CA GLU A 184 4.90 -19.63 -7.24
C GLU A 184 4.38 -19.53 -8.66
N THR A 185 3.10 -19.18 -8.81
CA THR A 185 2.50 -19.06 -10.16
C THR A 185 1.45 -17.93 -10.17
N PRO A 186 1.18 -17.32 -11.32
CA PRO A 186 0.13 -16.31 -11.38
C PRO A 186 -1.27 -16.82 -11.02
N GLU A 187 -1.56 -18.07 -11.33
CA GLU A 187 -2.86 -18.65 -10.95
C GLU A 187 -3.01 -18.72 -9.42
N GLU A 188 -1.92 -19.04 -8.72
CA GLU A 188 -1.92 -18.99 -7.26
C GLU A 188 -2.24 -17.58 -6.75
N THR A 189 -1.59 -16.58 -7.36
CA THR A 189 -1.89 -15.20 -7.01
C THR A 189 -3.38 -14.91 -7.24
N ALA A 190 -3.92 -15.31 -8.39
CA ALA A 190 -5.35 -15.08 -8.70
C ALA A 190 -6.29 -15.68 -7.65
N VAL A 191 -5.98 -16.89 -7.23
CA VAL A 191 -6.78 -17.55 -6.20
C VAL A 191 -6.93 -16.68 -4.94
N TYR A 192 -5.83 -16.18 -4.41
CA TYR A 192 -5.86 -15.42 -3.15
C TYR A 192 -6.27 -13.97 -3.33
N TYR A 193 -5.81 -13.34 -4.40
CA TYR A 193 -6.27 -11.98 -4.71
C TYR A 193 -7.77 -11.91 -4.92
N SER A 194 -8.35 -12.82 -5.71
CA SER A 194 -9.82 -12.83 -5.94
C SER A 194 -10.59 -13.01 -4.61
N LEU A 195 -10.15 -13.96 -3.82
CA LEU A 195 -10.79 -14.29 -2.52
C LEU A 195 -10.78 -13.08 -1.59
N VAL A 196 -9.61 -12.45 -1.47
CA VAL A 196 -9.45 -11.31 -0.60
C VAL A 196 -10.22 -10.08 -1.14
N ALA A 197 -10.12 -9.81 -2.45
CA ALA A 197 -10.84 -8.66 -3.01
C ALA A 197 -12.34 -8.82 -2.78
N GLU A 198 -12.84 -10.08 -2.85
CA GLU A 198 -14.27 -10.31 -2.71
C GLU A 198 -14.78 -9.99 -1.29
N GLN A 199 -13.88 -10.03 -0.34
CA GLN A 199 -14.15 -9.78 1.08
CA GLN A 199 -14.20 -9.78 1.07
C GLN A 199 -13.93 -8.33 1.46
N SER A 200 -13.30 -7.56 0.58
CA SER A 200 -12.82 -6.20 0.93
C SER A 200 -13.84 -5.12 0.63
N ASP A 201 -13.69 -3.96 1.27
CA ASP A 201 -14.56 -2.81 1.08
C ASP A 201 -14.05 -1.86 -0.02
N ILE A 202 -12.74 -1.72 -0.06
CA ILE A 202 -12.06 -0.88 -1.05
C ILE A 202 -10.92 -1.68 -1.62
N VAL A 203 -10.80 -1.69 -2.95
CA VAL A 203 -9.72 -2.37 -3.64
C VAL A 203 -9.02 -1.39 -4.54
N ILE A 204 -7.69 -1.30 -4.41
CA ILE A 204 -6.85 -0.34 -5.14
C ILE A 204 -5.74 -1.10 -5.84
N GLY A 205 -5.58 -0.91 -7.14
CA GLY A 205 -4.54 -1.61 -7.89
C GLY A 205 -4.39 -1.05 -9.27
N THR A 206 -3.30 -1.41 -9.94
CA THR A 206 -3.12 -1.10 -11.32
C THR A 206 -3.98 -2.04 -12.18
N ARG A 207 -4.23 -1.64 -13.42
CA ARG A 207 -4.96 -2.50 -14.34
C ARG A 207 -4.25 -3.85 -14.47
N GLU A 208 -2.92 -3.86 -14.52
CA GLU A 208 -2.17 -5.11 -14.60
C GLU A 208 -2.39 -6.00 -13.38
N GLU A 209 -2.49 -5.39 -12.21
CA GLU A 209 -2.75 -6.10 -10.98
C GLU A 209 -4.17 -6.70 -10.94
N PHE A 210 -5.16 -5.98 -11.46
CA PHE A 210 -6.48 -6.55 -11.59
C PHE A 210 -6.50 -7.67 -12.59
N ASP A 211 -5.72 -7.57 -13.68
CA ASP A 211 -5.61 -8.69 -14.60
C ASP A 211 -5.12 -9.95 -13.86
N VAL A 212 -4.11 -9.80 -13.01
CA VAL A 212 -3.60 -10.93 -12.22
C VAL A 212 -4.67 -11.50 -11.29
N LEU A 213 -5.36 -10.63 -10.58
CA LEU A 213 -6.49 -10.99 -9.74
C LEU A 213 -7.52 -11.84 -10.49
N GLU A 214 -7.79 -11.47 -11.74
CA GLU A 214 -8.81 -12.12 -12.51
C GLU A 214 -8.29 -13.33 -13.25
N ASN A 215 -7.03 -13.72 -12.98
CA ASN A 215 -6.38 -14.83 -13.69
C ASN A 215 -6.30 -14.64 -15.21
N ARG A 216 -6.05 -13.41 -15.65
CA ARG A 216 -5.95 -13.09 -17.06
CA ARG A 216 -5.94 -13.08 -17.06
C ARG A 216 -4.50 -12.84 -17.42
N THR A 217 -4.16 -13.12 -18.66
CA THR A 217 -2.83 -12.81 -19.15
C THR A 217 -2.90 -11.68 -20.17
N GLU A 218 -4.07 -11.08 -20.37
CA GLU A 218 -4.24 -9.95 -21.28
C GLU A 218 -5.04 -8.92 -20.54
N LYS A 219 -4.89 -7.65 -20.95
CA LYS A 219 -5.54 -6.56 -20.29
C LYS A 219 -7.03 -6.74 -20.25
N GLY A 220 -7.62 -6.55 -19.08
CA GLY A 220 -9.05 -6.68 -18.88
C GLY A 220 -9.76 -5.35 -19.05
N ASP A 221 -11.08 -5.41 -18.93
CA ASP A 221 -12.01 -4.28 -19.14
C ASP A 221 -12.49 -3.89 -17.76
N ASN A 222 -12.35 -2.61 -17.42
CA ASN A 222 -12.72 -2.15 -16.07
C ASN A 222 -14.21 -2.40 -15.80
N ASP A 223 -15.06 -2.25 -16.83
CA ASP A 223 -16.50 -2.45 -16.63
C ASP A 223 -16.79 -3.90 -16.24
N GLU A 224 -16.05 -4.86 -16.80
CA GLU A 224 -16.21 -6.26 -16.43
C GLU A 224 -15.65 -6.53 -15.04
N THR A 225 -14.53 -5.92 -14.73
CA THR A 225 -13.91 -6.07 -13.41
C THR A 225 -14.87 -5.67 -12.31
N ILE A 226 -15.48 -4.50 -12.46
CA ILE A 226 -16.35 -4.00 -11.40
C ILE A 226 -17.69 -4.73 -11.40
N ARG A 227 -18.17 -5.18 -12.56
CA ARG A 227 -19.41 -5.96 -12.59
C ARG A 227 -19.24 -7.23 -11.75
N TYR A 228 -18.06 -7.84 -11.85
CA TYR A 228 -17.66 -8.98 -11.03
C TYR A 228 -17.57 -8.65 -9.53
N LEU A 229 -16.72 -7.70 -9.16
CA LEU A 229 -16.45 -7.47 -7.75
C LEU A 229 -17.62 -6.86 -7.00
N PHE A 230 -18.49 -6.14 -7.72
CA PHE A 230 -19.69 -5.55 -7.11
C PHE A 230 -20.82 -6.57 -6.86
N LYS A 231 -20.60 -7.84 -7.22
CA LYS A 231 -21.40 -8.95 -6.73
C LYS A 231 -20.98 -9.35 -5.33
N HIS A 232 -19.87 -8.80 -4.84
CA HIS A 232 -19.25 -9.23 -3.59
C HIS A 232 -19.20 -8.01 -2.65
N SER A 233 -18.23 -7.95 -1.72
CA SER A 233 -18.17 -6.89 -0.74
C SER A 233 -17.79 -5.48 -1.22
N PRO A 234 -16.87 -5.32 -2.20
CA PRO A 234 -16.43 -3.95 -2.45
C PRO A 234 -17.52 -2.93 -2.73
N GLU A 235 -17.31 -1.75 -2.16
CA GLU A 235 -18.15 -0.54 -2.42
C GLU A 235 -17.38 0.50 -3.25
N LEU A 236 -16.06 0.33 -3.37
CA LEU A 236 -15.18 1.26 -4.07
C LEU A 236 -14.02 0.53 -4.68
N ILE A 237 -13.81 0.71 -5.98
CA ILE A 237 -12.72 0.04 -6.67
C ILE A 237 -11.96 1.10 -7.42
N VAL A 238 -10.66 1.14 -7.18
CA VAL A 238 -9.78 2.13 -7.83
C VAL A 238 -8.80 1.42 -8.76
N ILE A 239 -8.86 1.71 -10.05
CA ILE A 239 -8.04 1.01 -11.03
C ILE A 239 -7.12 2.05 -11.69
N LYS A 240 -5.80 1.84 -11.53
CA LYS A 240 -4.79 2.80 -11.99
C LYS A 240 -4.17 2.38 -13.31
N HIS A 241 -3.99 3.34 -14.19
CA HIS A 241 -3.48 3.10 -15.53
C HIS A 241 -2.26 3.99 -15.86
N GLY A 242 -1.45 4.30 -14.86
CA GLY A 242 -0.22 5.06 -15.07
C GLY A 242 -0.52 6.41 -15.72
N VAL A 243 0.13 6.70 -16.83
CA VAL A 243 -0.07 7.99 -17.49
C VAL A 243 -1.45 8.18 -18.10
N GLU A 244 -2.22 7.09 -18.31
CA GLU A 244 -3.60 7.19 -18.77
C GLU A 244 -4.56 7.58 -17.62
N GLY A 245 -4.00 7.73 -16.43
CA GLY A 245 -4.77 8.19 -15.27
C GLY A 245 -5.28 7.05 -14.41
N SER A 246 -6.25 7.36 -13.58
CA SER A 246 -6.84 6.41 -12.67
C SER A 246 -8.34 6.62 -12.59
N PHE A 247 -9.06 5.54 -12.28
CA PHE A 247 -10.53 5.53 -12.31
C PHE A 247 -11.00 4.89 -11.02
N ALA A 248 -11.95 5.53 -10.36
CA ALA A 248 -12.59 4.98 -9.20
C ALA A 248 -14.05 4.74 -9.53
N TYR A 249 -14.55 3.61 -9.05
CA TYR A 249 -15.93 3.18 -9.31
C TYR A 249 -16.62 2.82 -8.00
N THR A 250 -17.87 3.24 -7.81
CA THR A 250 -18.64 2.94 -6.59
C THR A 250 -19.76 1.96 -6.91
N LYS A 251 -20.16 1.20 -5.89
CA LYS A 251 -21.18 0.20 -6.04
C LYS A 251 -22.53 0.86 -6.44
N ALA A 252 -22.74 2.09 -6.00
CA ALA A 252 -23.90 2.94 -6.38
C ALA A 252 -23.93 3.27 -7.87
N GLY A 253 -22.82 3.10 -8.58
CA GLY A 253 -22.79 3.21 -10.01
C GLY A 253 -22.14 4.49 -10.50
N GLU A 254 -21.39 5.19 -9.65
CA GLU A 254 -20.68 6.38 -10.10
C GLU A 254 -19.26 6.01 -10.51
N ALA A 255 -18.63 6.86 -11.31
CA ALA A 255 -17.24 6.67 -11.75
C ALA A 255 -16.54 8.02 -11.76
N TYR A 256 -15.28 8.04 -11.37
CA TYR A 256 -14.49 9.27 -11.21
C TYR A 256 -13.15 9.06 -11.87
N ARG A 257 -12.57 10.12 -12.39
CA ARG A 257 -11.31 10.04 -13.11
C ARG A 257 -10.28 10.95 -12.47
N GLY A 258 -9.08 10.41 -12.35
CA GLY A 258 -7.89 11.11 -11.89
C GLY A 258 -6.84 11.13 -12.99
N TYR A 259 -5.82 11.96 -12.78
CA TYR A 259 -4.81 12.28 -13.79
C TYR A 259 -3.43 12.18 -13.18
N ALA A 260 -2.54 11.56 -13.95
CA ALA A 260 -1.10 11.59 -13.66
C ALA A 260 -0.58 13.02 -13.73
N TYR A 261 0.35 13.35 -12.82
CA TYR A 261 1.02 14.66 -12.85
C TYR A 261 2.30 14.58 -13.66
N LYS A 262 2.55 15.61 -14.48
CA LYS A 262 3.80 15.74 -15.22
CA LYS A 262 3.80 15.69 -15.22
C LYS A 262 4.93 15.71 -14.20
N THR A 263 5.98 14.92 -14.45
CA THR A 263 7.04 14.79 -13.44
C THR A 263 8.40 14.49 -14.05
N LYS A 264 9.44 15.06 -13.46
CA LYS A 264 10.84 14.73 -13.81
C LYS A 264 11.21 13.51 -12.98
N VAL A 265 11.06 12.32 -13.56
CA VAL A 265 11.19 11.08 -12.83
C VAL A 265 12.67 10.79 -12.52
N LEU A 266 12.94 10.44 -11.26
CA LEU A 266 14.26 9.91 -10.84
C LEU A 266 14.20 8.39 -10.66
N LYS A 267 13.22 7.91 -9.87
CA LYS A 267 13.09 6.49 -9.47
C LYS A 267 11.62 6.14 -9.23
N THR A 268 11.09 5.09 -9.85
CA THR A 268 9.64 4.86 -9.76
C THR A 268 9.18 4.08 -8.55
N PHE A 269 10.12 3.59 -7.73
CA PHE A 269 9.75 2.81 -6.56
C PHE A 269 8.89 3.68 -5.65
N GLY A 270 7.94 3.07 -4.98
CA GLY A 270 7.16 3.83 -3.98
C GLY A 270 6.02 4.68 -4.53
N ALA A 271 5.89 4.81 -5.86
CA ALA A 271 4.81 5.58 -6.47
C ALA A 271 3.48 5.10 -5.93
N GLY A 272 3.29 3.79 -5.91
CA GLY A 272 1.99 3.20 -5.55
C GLY A 272 1.63 3.35 -4.08
N ASP A 273 2.66 3.33 -3.23
CA ASP A 273 2.42 3.46 -1.79
C ASP A 273 2.11 4.90 -1.40
N SER A 274 2.75 5.84 -2.09
CA SER A 274 2.45 7.26 -1.99
C SER A 274 1.02 7.54 -2.51
N TYR A 275 0.66 6.90 -3.62
CA TYR A 275 -0.70 7.03 -4.13
C TYR A 275 -1.74 6.58 -3.09
N ALA A 276 -1.53 5.42 -2.48
CA ALA A 276 -2.51 4.85 -1.56
C ALA A 276 -2.62 5.70 -0.30
N SER A 277 -1.48 6.11 0.25
CA SER A 277 -1.51 6.90 1.50
C SER A 277 -2.24 8.24 1.28
N ALA A 278 -1.91 8.94 0.20
CA ALA A 278 -2.52 10.25 -0.07
C ALA A 278 -4.00 10.11 -0.50
N PHE A 279 -4.32 9.08 -1.28
CA PHE A 279 -5.71 8.82 -1.65
C PHE A 279 -6.54 8.55 -0.38
N LEU A 280 -6.03 7.69 0.50
CA LEU A 280 -6.75 7.40 1.73
C LEU A 280 -6.82 8.60 2.65
N TYR A 281 -5.74 9.33 2.77
CA TYR A 281 -5.81 10.59 3.52
C TYR A 281 -6.94 11.49 3.04
N ALA A 282 -7.05 11.65 1.72
CA ALA A 282 -8.10 12.52 1.18
C ALA A 282 -9.49 12.00 1.50
N LEU A 283 -9.71 10.69 1.32
CA LEU A 283 -10.98 10.04 1.63
CA LEU A 283 -11.00 10.07 1.62
C LEU A 283 -11.39 10.22 3.10
N ILE A 284 -10.47 9.88 4.00
CA ILE A 284 -10.63 10.02 5.49
C ILE A 284 -10.92 11.46 5.88
N SER A 285 -10.35 12.41 5.13
CA SER A 285 -10.47 13.85 5.37
CA SER A 285 -10.50 13.83 5.44
C SER A 285 -11.69 14.48 4.70
N GLY A 286 -12.55 13.66 4.10
CA GLY A 286 -13.82 14.16 3.60
C GLY A 286 -13.75 14.87 2.28
N LYS A 287 -12.67 14.67 1.53
CA LYS A 287 -12.49 15.39 0.27
C LYS A 287 -13.26 14.77 -0.89
N GLY A 288 -13.72 13.55 -0.71
CA GLY A 288 -14.48 12.90 -1.76
C GLY A 288 -13.57 12.18 -2.73
N ILE A 289 -14.16 11.31 -3.53
CA ILE A 289 -13.36 10.39 -4.36
C ILE A 289 -12.64 11.12 -5.46
N GLU A 290 -13.32 12.04 -6.14
CA GLU A 290 -12.68 12.71 -7.29
C GLU A 290 -11.43 13.47 -6.86
N THR A 291 -11.52 14.17 -5.74
CA THR A 291 -10.35 14.85 -5.20
C THR A 291 -9.29 13.89 -4.65
N ALA A 292 -9.72 12.80 -4.00
CA ALA A 292 -8.80 11.79 -3.49
C ALA A 292 -7.90 11.24 -4.60
N LEU A 293 -8.46 11.03 -5.79
CA LEU A 293 -7.64 10.60 -6.93
C LEU A 293 -6.51 11.59 -7.26
N LYS A 294 -6.75 12.89 -7.08
CA LYS A 294 -5.71 13.90 -7.34
C LYS A 294 -4.63 13.85 -6.28
N TYR A 295 -5.04 13.69 -5.02
CA TYR A 295 -4.07 13.52 -3.95
C TYR A 295 -3.17 12.31 -4.18
N GLY A 296 -3.72 11.17 -4.59
CA GLY A 296 -2.90 9.98 -4.78
C GLY A 296 -1.93 10.21 -5.94
N SER A 297 -2.45 10.76 -7.03
CA SER A 297 -1.62 11.02 -8.19
C SER A 297 -0.53 12.04 -7.93
N ALA A 298 -0.84 13.12 -7.24
CA ALA A 298 0.16 14.14 -6.93
C ALA A 298 1.28 13.59 -6.03
N SER A 299 0.89 12.85 -5.01
CA SER A 299 1.86 12.23 -4.10
C SER A 299 2.78 11.26 -4.84
N ALA A 300 2.21 10.40 -5.68
CA ALA A 300 3.01 9.54 -6.58
C ALA A 300 4.03 10.28 -7.39
N SER A 301 3.62 11.38 -8.00
CA SER A 301 4.52 12.20 -8.77
C SER A 301 5.67 12.76 -7.91
N ILE A 302 5.38 13.22 -6.70
CA ILE A 302 6.40 13.87 -5.89
C ILE A 302 7.42 12.85 -5.44
N VAL A 303 6.96 11.68 -5.02
CA VAL A 303 7.87 10.67 -4.47
C VAL A 303 8.86 10.20 -5.54
N VAL A 304 8.46 10.13 -6.81
CA VAL A 304 9.38 9.65 -7.87
C VAL A 304 10.33 10.72 -8.39
N SER A 305 10.09 11.98 -8.02
CA SER A 305 10.85 13.11 -8.54
C SER A 305 11.73 13.78 -7.48
N LYS A 306 11.35 13.60 -6.21
CA LYS A 306 12.22 13.88 -5.05
C LYS A 306 13.43 12.96 -5.09
N ALA A 312 11.60 11.40 2.78
CA ALA A 312 11.40 12.11 1.52
C ALA A 312 10.02 11.78 0.93
N MSE A 313 9.11 11.31 1.76
CA MSE A 313 7.76 11.31 1.33
C MSE A 313 7.02 12.62 1.34
O MSE A 313 7.38 13.50 2.11
CB MSE A 313 7.28 10.13 0.56
CG MSE A 313 7.83 8.78 0.96
SE MSE A 313 6.58 7.90 2.09
CE MSE A 313 4.77 8.11 0.99
N PRO A 314 6.04 12.80 0.43
CA PRO A 314 5.41 14.12 0.32
C PRO A 314 4.72 14.63 1.58
N SER A 315 4.76 15.94 1.79
CA SER A 315 3.89 16.61 2.74
C SER A 315 2.54 16.97 2.10
N VAL A 316 1.54 17.19 2.93
CA VAL A 316 0.24 17.72 2.47
C VAL A 316 0.42 19.02 1.68
N GLU A 317 1.26 19.92 2.18
CA GLU A 317 1.56 21.17 1.48
C GLU A 317 2.15 20.95 0.08
N GLU A 318 3.09 20.02 -0.06
CA GLU A 318 3.69 19.74 -1.36
C GLU A 318 2.64 19.15 -2.31
N ILE A 319 1.85 18.22 -1.81
CA ILE A 319 0.76 17.60 -2.60
C ILE A 319 -0.20 18.69 -3.07
N GLU A 320 -0.63 19.55 -2.17
CA GLU A 320 -1.64 20.57 -2.51
C GLU A 320 -1.13 21.64 -3.50
N ALA A 321 0.14 22.01 -3.36
CA ALA A 321 0.77 22.94 -4.28
C ALA A 321 0.83 22.34 -5.70
N LEU A 322 1.11 21.04 -5.77
CA LEU A 322 1.23 20.37 -7.07
C LEU A 322 -0.16 20.28 -7.71
N ILE A 323 -1.17 19.97 -6.90
CA ILE A 323 -2.57 19.95 -7.37
C ILE A 323 -3.00 21.32 -7.89
N GLU A 324 -2.67 22.38 -7.13
CA GLU A 324 -3.00 23.74 -7.54
C GLU A 324 -2.30 24.08 -8.85
N LYS A 325 -1.03 23.70 -8.99
CA LYS A 325 -0.28 23.99 -10.21
C LYS A 325 -0.93 23.29 -11.43
N ASP A 326 -1.50 22.10 -11.20
CA ASP A 326 -2.39 21.41 -12.16
C ASP A 326 -1.72 21.13 -13.50
N GLU A 327 -0.49 20.64 -13.43
CA GLU A 327 0.24 20.21 -14.61
C GLU A 327 0.10 18.69 -14.72
N THR A 328 -0.96 18.28 -15.40
CA THR A 328 -1.32 16.87 -15.45
C THR A 328 -1.19 16.39 -16.88
N ILE A 329 -1.25 15.07 -17.05
CA ILE A 329 -1.17 14.42 -18.36
C ILE A 329 -2.59 14.02 -18.80
N THR A 330 -3.00 14.49 -19.97
CA THR A 330 -4.33 14.15 -20.48
C THR A 330 -4.27 13.63 -21.92
N ILE A 331 -3.07 13.52 -22.49
CA ILE A 331 -2.95 13.22 -23.89
C ILE A 331 -3.04 11.72 -24.11
N ALA A 332 -2.47 10.97 -23.14
CA ALA A 332 -2.52 9.51 -23.10
C ALA A 332 -3.94 8.92 -22.92
C1 PGE B . 2.67 -0.32 -4.69
C1 PGE B . 2.13 -1.50 -5.97
O1 PGE B . 1.54 0.18 -3.96
O1 PGE B . 3.14 -2.51 -5.75
C2 PGE B . 2.47 -0.24 -6.20
C2 PGE B . 2.09 -1.02 -7.43
O2 PGE B . 3.51 0.52 -6.81
O2 PGE B . 1.51 0.28 -7.49
C3 PGE B . 3.65 0.34 -8.24
C3 PGE B . 1.96 1.06 -8.62
C4 PGE B . 2.49 0.94 -9.03
C4 PGE B . 0.82 1.90 -9.20
O4 PGE B . 1.61 5.31 -9.95
O4 PGE B . 0.79 6.23 -9.96
C6 PGE B . 1.03 4.35 -9.05
C6 PGE B . 0.79 5.59 -8.68
C5 PGE B . 1.32 2.94 -9.55
C5 PGE B . 0.16 4.21 -8.78
O3 PGE B . 2.40 2.35 -8.83
O3 PGE B . 1.15 3.27 -9.19
C1 PGE C . -16.39 -17.55 12.21
O1 PGE C . -16.39 -16.73 13.36
C2 PGE C . -15.37 -18.64 12.43
O2 PGE C . -14.16 -18.07 12.02
C3 PGE C . -13.12 -19.01 12.17
C4 PGE C . -11.87 -18.39 11.70
O4 PGE C . -9.16 -16.82 14.25
C6 PGE C . -9.43 -16.13 13.05
C5 PGE C . -10.25 -16.88 12.04
O3 PGE C . -11.51 -17.32 12.53
#